data_5QH9
#
_entry.id   5QH9
#
_cell.length_a   124.671
_cell.length_b   124.671
_cell.length_c   41.174
_cell.angle_alpha   90.000
_cell.angle_beta   90.000
_cell.angle_gamma   120.000
#
_symmetry.space_group_name_H-M   'P 3 2 1'
#
loop_
_entity.id
_entity.type
_entity.pdbx_description
1 polymer 'Peroxisomal coenzyme A diphosphatase NUDT7'
2 non-polymer 'ACETATE ION'
3 non-polymer 1-[(2S)-2-(3-methoxyphenyl)pyrrolidin-1-yl]ethan-1-one
4 water water
#
_entity_poly.entity_id   1
_entity_poly.type   'polypeptide(L)'
_entity_poly.pdbx_seq_one_letter_code
;SMLDDAKARLRKYDIGGKYSHLPYNKYSVLLPLVAKEGKLHLLFTVRSEKLRRAPGEVCFPGGKRDPTDMDDAATALREA
QEEVGLR(HYP)HQVEVV(CSO)CLVPCLIDTDTLITPFVGLIDHNFQAQPNPAEVKDVFLVPLAYFLHPQVHDQHYVTR
LGHRFINHIFEYTNPEDGVTYQIKGMTANLAVLVAFIILEKKPT
;
_entity_poly.pdbx_strand_id   A
#
# COMPACT_ATOMS: atom_id res chain seq x y z
N SER A 1 7.39 -3.59 21.78
CA SER A 1 6.28 -2.64 21.46
C SER A 1 5.52 -3.11 20.19
N MET A 2 4.33 -2.54 19.96
CA MET A 2 3.52 -2.85 18.76
C MET A 2 4.34 -2.63 17.48
N LEU A 3 5.03 -1.50 17.42
CA LEU A 3 5.76 -1.15 16.21
C LEU A 3 7.00 -2.00 16.00
N ASP A 4 7.74 -2.28 17.09
CA ASP A 4 8.92 -3.15 17.01
C ASP A 4 8.53 -4.56 16.60
N ASP A 5 7.40 -5.03 17.13
CA ASP A 5 6.87 -6.33 16.78
C ASP A 5 6.48 -6.39 15.29
N ALA A 6 5.80 -5.36 14.79
CA ALA A 6 5.44 -5.31 13.35
C ALA A 6 6.66 -5.32 12.43
N LYS A 7 7.66 -4.47 12.75
CA LYS A 7 8.89 -4.43 11.96
C LYS A 7 9.63 -5.77 11.98
N ALA A 8 9.72 -6.40 13.15
CA ALA A 8 10.38 -7.70 13.27
C ALA A 8 9.68 -8.77 12.40
N ARG A 9 8.34 -8.76 12.40
CA ARG A 9 7.57 -9.70 11.57
C ARG A 9 7.83 -9.44 10.09
N LEU A 10 7.74 -8.18 9.69
CA LEU A 10 7.91 -7.79 8.30
C LEU A 10 9.28 -8.15 7.74
N ARG A 11 10.32 -8.02 8.55
CA ARG A 11 11.68 -8.31 8.09
C ARG A 11 11.89 -9.78 7.70
N LYS A 12 11.12 -10.69 8.29
CA LYS A 12 11.19 -12.10 7.95
C LYS A 12 10.70 -12.44 6.51
N TYR A 13 9.99 -11.53 5.86
CA TYR A 13 9.44 -11.71 4.55
C TYR A 13 10.12 -10.82 3.50
N ASP A 14 11.16 -10.10 3.90
CA ASP A 14 11.87 -9.14 3.04
C ASP A 14 12.60 -9.95 1.99
N ILE A 15 12.30 -9.69 0.72
CA ILE A 15 13.11 -10.27 -0.35
C ILE A 15 14.32 -9.37 -0.68
N GLY A 16 14.32 -8.13 -0.21
CA GLY A 16 15.37 -7.16 -0.57
C GLY A 16 15.43 -6.94 -2.09
N GLY A 17 16.66 -6.86 -2.62
CA GLY A 17 16.89 -6.55 -4.04
C GLY A 17 16.94 -7.74 -4.98
N LYS A 18 16.53 -8.92 -4.49
CA LYS A 18 16.68 -10.18 -5.23
C LYS A 18 16.13 -10.14 -6.68
N TYR A 19 14.95 -9.55 -6.87
CA TYR A 19 14.28 -9.46 -8.18
C TYR A 19 14.41 -8.08 -8.88
N SER A 20 15.16 -7.17 -8.25
CA SER A 20 15.15 -5.77 -8.67
C SER A 20 15.88 -5.43 -9.98
N HIS A 21 16.80 -6.27 -10.47
N HIS A 21 16.79 -6.31 -10.41
CA HIS A 21 17.52 -5.93 -11.74
CA HIS A 21 17.60 -6.08 -11.60
C HIS A 21 16.87 -6.52 -12.98
C HIS A 21 17.10 -6.80 -12.85
N LEU A 22 15.93 -7.45 -12.80
CA LEU A 22 15.34 -8.12 -13.96
C LEU A 22 14.74 -7.13 -14.97
N PRO A 23 14.84 -7.43 -16.28
CA PRO A 23 14.54 -6.44 -17.33
C PRO A 23 13.06 -6.24 -17.64
N TYR A 24 12.29 -5.76 -16.65
CA TYR A 24 10.89 -5.51 -16.81
C TYR A 24 10.59 -4.02 -16.95
N ASN A 25 9.37 -3.72 -17.35
CA ASN A 25 8.74 -2.39 -17.11
C ASN A 25 8.47 -2.36 -15.60
N LYS A 26 9.09 -1.42 -14.90
CA LYS A 26 9.15 -1.48 -13.40
C LYS A 26 8.29 -0.41 -12.76
N TYR A 27 7.46 -0.85 -11.81
CA TYR A 27 6.61 0.03 -10.98
C TYR A 27 6.82 -0.35 -9.54
N SER A 28 6.67 0.61 -8.62
CA SER A 28 6.70 0.31 -7.21
C SER A 28 5.45 0.90 -6.52
N VAL A 29 5.03 0.24 -5.43
CA VAL A 29 3.98 0.75 -4.56
C VAL A 29 4.47 0.79 -3.13
N LEU A 30 3.92 1.74 -2.37
CA LEU A 30 4.15 1.85 -0.94
C LEU A 30 2.91 1.39 -0.18
N LEU A 31 3.08 0.44 0.72
CA LEU A 31 2.03 -0.03 1.62
C LEU A 31 2.24 0.72 2.96
N PRO A 32 1.51 1.82 3.19
CA PRO A 32 1.86 2.70 4.31
C PRO A 32 1.09 2.32 5.57
N LEU A 33 1.83 1.96 6.60
CA LEU A 33 1.24 1.56 7.88
C LEU A 33 1.20 2.77 8.82
N VAL A 34 0.03 3.01 9.37
CA VAL A 34 -0.26 4.15 10.24
C VAL A 34 -0.77 3.59 11.56
N ALA A 35 -0.20 4.02 12.69
CA ALA A 35 -0.73 3.62 14.00
C ALA A 35 -1.68 4.68 14.51
N LYS A 36 -2.93 4.32 14.79
CA LYS A 36 -3.95 5.24 15.37
C LYS A 36 -4.73 4.46 16.41
N GLU A 37 -5.01 5.10 17.55
CA GLU A 37 -5.84 4.51 18.58
C GLU A 37 -5.40 3.11 18.99
N GLY A 38 -4.08 2.92 19.09
CA GLY A 38 -3.46 1.71 19.53
C GLY A 38 -3.49 0.56 18.52
N LYS A 39 -3.84 0.83 17.25
CA LYS A 39 -3.97 -0.25 16.25
C LYS A 39 -3.29 0.19 14.96
N LEU A 40 -2.85 -0.78 14.16
CA LEU A 40 -2.27 -0.45 12.85
C LEU A 40 -3.37 -0.37 11.76
N HIS A 41 -3.14 0.55 10.81
CA HIS A 41 -4.00 0.83 9.68
C HIS A 41 -3.16 0.85 8.41
N LEU A 42 -3.78 0.55 7.28
CA LEU A 42 -3.17 0.81 5.99
C LEU A 42 -3.79 2.04 5.37
N LEU A 43 -2.97 2.83 4.70
CA LEU A 43 -3.41 4.03 3.99
C LEU A 43 -3.59 3.68 2.52
N PHE A 44 -4.76 4.02 1.98
CA PHE A 44 -5.15 3.78 0.59
C PHE A 44 -5.46 5.09 -0.11
N THR A 45 -5.33 5.07 -1.43
CA THR A 45 -5.77 6.21 -2.27
C THR A 45 -6.96 5.78 -3.11
N VAL A 46 -7.75 6.76 -3.53
CA VAL A 46 -8.66 6.58 -4.63
C VAL A 46 -8.14 7.42 -5.80
N ARG A 47 -7.89 6.74 -6.92
CA ARG A 47 -7.31 7.39 -8.09
C ARG A 47 -8.30 8.40 -8.70
N SER A 48 -7.77 9.51 -9.20
CA SER A 48 -8.60 10.54 -9.81
C SER A 48 -9.42 9.95 -10.96
N GLU A 49 -10.65 10.43 -11.12
CA GLU A 49 -11.52 10.02 -12.25
C GLU A 49 -10.99 10.46 -13.63
N LYS A 50 -10.07 11.43 -13.66
CA LYS A 50 -9.49 11.96 -14.90
C LYS A 50 -8.30 11.17 -15.45
N LEU A 51 -7.80 10.18 -14.71
CA LEU A 51 -6.63 9.41 -15.15
C LEU A 51 -7.02 8.37 -16.21
N ARG A 52 -6.05 8.02 -17.06
CA ARG A 52 -6.26 7.06 -18.15
C ARG A 52 -6.41 5.64 -17.60
N ARG A 53 -5.38 5.20 -16.87
CA ARG A 53 -5.35 3.88 -16.24
C ARG A 53 -6.10 3.86 -14.90
N ALA A 54 -7.21 3.12 -14.86
CA ALA A 54 -7.89 2.73 -13.62
C ALA A 54 -8.43 3.93 -12.83
N PRO A 55 -9.26 4.76 -13.49
CA PRO A 55 -9.80 5.92 -12.81
C PRO A 55 -10.75 5.50 -11.71
N GLY A 56 -10.69 6.20 -10.58
CA GLY A 56 -11.58 5.92 -9.45
C GLY A 56 -11.34 4.64 -8.65
N GLU A 57 -10.27 3.89 -8.95
CA GLU A 57 -9.98 2.63 -8.25
C GLU A 57 -9.21 2.93 -6.97
N VAL A 58 -9.40 2.05 -6.00
CA VAL A 58 -8.66 2.08 -4.74
C VAL A 58 -7.30 1.43 -5.01
N CYS A 59 -6.20 2.14 -4.73
N CYS A 59 -6.24 2.08 -4.53
CA CYS A 59 -4.84 1.64 -4.92
CA CYS A 59 -4.88 1.77 -4.92
C CYS A 59 -3.96 2.09 -3.76
C CYS A 59 -3.85 2.29 -3.91
N PHE A 60 -2.78 1.52 -3.66
CA PHE A 60 -1.72 2.08 -2.82
C PHE A 60 -1.01 3.20 -3.58
N PRO A 61 -0.39 4.17 -2.87
CA PRO A 61 0.45 5.13 -3.55
C PRO A 61 1.58 4.39 -4.33
N GLY A 62 1.91 4.91 -5.49
CA GLY A 62 2.97 4.29 -6.32
C GLY A 62 2.90 4.71 -7.76
N GLY A 63 3.75 4.09 -8.56
CA GLY A 63 3.86 4.41 -9.97
C GLY A 63 5.11 3.89 -10.62
N LYS A 64 5.36 4.38 -11.83
CA LYS A 64 6.43 3.84 -12.69
C LYS A 64 7.79 4.38 -12.30
N ARG A 65 8.79 3.51 -12.27
CA ARG A 65 10.15 3.94 -12.01
C ARG A 65 10.61 4.90 -13.13
N ASP A 66 11.35 5.93 -12.71
CA ASP A 66 11.99 6.85 -13.66
C ASP A 66 13.49 6.90 -13.47
N PRO A 67 14.22 7.58 -14.42
CA PRO A 67 15.66 7.52 -14.35
C PRO A 67 16.26 8.13 -13.13
N THR A 68 15.55 9.03 -12.45
CA THR A 68 16.10 9.67 -11.24
C THR A 68 16.19 8.74 -10.04
N ASP A 69 15.34 7.72 -10.01
CA ASP A 69 15.25 6.87 -8.80
C ASP A 69 16.53 6.06 -8.57
N MET A 70 17.10 6.14 -7.36
CA MET A 70 18.28 5.35 -7.01
C MET A 70 18.00 3.86 -6.99
N ASP A 71 16.78 3.53 -6.61
CA ASP A 71 16.35 2.13 -6.49
C ASP A 71 14.82 2.04 -6.47
N ASP A 72 14.28 0.81 -6.34
CA ASP A 72 12.83 0.65 -6.44
C ASP A 72 12.09 1.32 -5.26
N ALA A 73 12.72 1.32 -4.10
CA ALA A 73 12.12 1.97 -2.90
C ALA A 73 11.96 3.47 -3.17
N ALA A 74 12.97 4.05 -3.82
CA ALA A 74 12.90 5.48 -4.19
C ALA A 74 11.70 5.81 -5.07
N THR A 75 11.36 4.93 -6.03
CA THR A 75 10.17 5.09 -6.84
C THR A 75 8.91 5.24 -5.97
N ALA A 76 8.77 4.28 -5.03
CA ALA A 76 7.60 4.26 -4.15
C ALA A 76 7.49 5.58 -3.34
N LEU A 77 8.61 6.04 -2.81
CA LEU A 77 8.63 7.24 -1.97
C LEU A 77 8.37 8.50 -2.79
N ARG A 78 8.97 8.58 -3.98
CA ARG A 78 8.71 9.72 -4.90
C ARG A 78 7.24 9.84 -5.27
N GLU A 79 6.63 8.72 -5.67
CA GLU A 79 5.24 8.72 -6.03
C GLU A 79 4.33 9.03 -4.84
N ALA A 80 4.64 8.50 -3.65
CA ALA A 80 3.86 8.80 -2.45
C ALA A 80 3.90 10.32 -2.15
N GLN A 81 5.06 10.92 -2.29
CA GLN A 81 5.17 12.39 -2.08
C GLN A 81 4.27 13.15 -3.06
N GLU A 82 4.37 12.80 -4.33
CA GLU A 82 3.56 13.45 -5.37
C GLU A 82 2.06 13.27 -5.15
N GLU A 83 1.63 12.10 -4.71
CA GLU A 83 0.23 11.79 -4.60
C GLU A 83 -0.42 12.31 -3.32
N VAL A 84 0.27 12.17 -2.19
CA VAL A 84 -0.36 12.47 -0.88
C VAL A 84 0.45 13.37 0.04
N GLY A 85 1.59 13.86 -0.44
CA GLY A 85 2.48 14.77 0.30
C GLY A 85 3.37 14.15 1.34
N LEU A 86 3.48 12.80 1.33
CA LEU A 86 4.38 12.13 2.25
C LEU A 86 5.84 12.43 1.94
N ARG A 87 6.56 13.05 2.88
CA ARG A 87 7.98 13.36 2.71
C ARG A 87 8.87 12.21 3.21
N HIS A 89 11.41 11.91 5.24
CA HIS A 89 11.64 11.84 6.67
C HIS A 89 10.43 11.30 7.45
N GLN A 90 9.27 11.22 6.81
CA GLN A 90 8.03 10.79 7.44
C GLN A 90 7.72 9.32 7.25
N VAL A 91 8.63 8.60 6.61
CA VAL A 91 8.45 7.17 6.37
C VAL A 91 9.73 6.36 6.59
N GLU A 92 9.58 5.22 7.28
CA GLU A 92 10.67 4.26 7.41
C GLU A 92 10.29 3.04 6.55
N VAL A 93 11.05 2.80 5.49
CA VAL A 93 10.84 1.61 4.65
C VAL A 93 11.44 0.43 5.39
N VAL A 94 10.58 -0.57 5.66
N VAL A 94 10.65 -0.58 5.69
CA VAL A 94 10.92 -1.69 6.51
CA VAL A 94 11.19 -1.70 6.48
C VAL A 94 11.36 -2.87 5.66
C VAL A 94 11.26 -3.02 5.75
N CYS A 96 10.74 -5.10 1.52
CA CYS A 96 10.26 -5.28 0.19
C CYS A 96 9.58 -6.67 0.11
N LEU A 97 8.30 -6.71 -0.18
CA LEU A 97 7.54 -7.95 -0.25
C LEU A 97 7.62 -8.55 -1.65
N VAL A 98 7.06 -9.75 -1.77
CA VAL A 98 7.04 -10.44 -3.04
C VAL A 98 6.50 -9.57 -4.17
N PRO A 99 7.25 -9.47 -5.28
CA PRO A 99 6.73 -8.69 -6.39
C PRO A 99 5.57 -9.33 -7.13
N CYS A 100 4.82 -8.49 -7.84
N CYS A 100 4.73 -8.48 -7.75
CA CYS A 100 3.65 -8.90 -8.61
CA CYS A 100 3.61 -8.88 -8.62
C CYS A 100 3.93 -8.78 -10.12
C CYS A 100 4.12 -8.86 -10.06
N LEU A 101 3.80 -9.91 -10.82
CA LEU A 101 4.06 -9.96 -12.26
C LEU A 101 2.76 -9.77 -12.99
N ILE A 102 2.72 -8.85 -13.95
CA ILE A 102 1.51 -8.71 -14.77
C ILE A 102 1.84 -8.41 -16.21
N ASP A 103 0.89 -8.75 -17.07
CA ASP A 103 0.92 -8.41 -18.51
C ASP A 103 2.09 -8.99 -19.28
N THR A 104 2.75 -10.00 -18.72
CA THR A 104 3.97 -10.60 -19.25
C THR A 104 5.24 -9.77 -19.26
N ASP A 105 5.16 -8.44 -19.08
CA ASP A 105 6.32 -7.58 -19.23
C ASP A 105 6.51 -6.56 -18.07
N THR A 106 5.76 -6.72 -16.99
CA THR A 106 5.73 -5.72 -15.94
C THR A 106 5.95 -6.38 -14.58
N LEU A 107 6.72 -5.71 -13.72
CA LEU A 107 7.00 -6.20 -12.38
C LEU A 107 6.73 -5.05 -11.43
N ILE A 108 5.84 -5.27 -10.47
CA ILE A 108 5.45 -4.27 -9.48
C ILE A 108 6.03 -4.70 -8.14
N THR A 109 6.85 -3.85 -7.53
CA THR A 109 7.56 -4.18 -6.31
C THR A 109 6.87 -3.41 -5.17
N PRO A 110 6.31 -4.13 -4.17
CA PRO A 110 5.68 -3.49 -3.00
C PRO A 110 6.64 -3.33 -1.82
N PHE A 111 6.67 -2.11 -1.25
CA PHE A 111 7.45 -1.82 -0.06
C PHE A 111 6.54 -1.46 1.08
N VAL A 112 6.80 -1.99 2.28
CA VAL A 112 5.99 -1.61 3.45
C VAL A 112 6.76 -0.52 4.18
N GLY A 113 6.04 0.54 4.53
CA GLY A 113 6.61 1.69 5.20
C GLY A 113 5.86 2.03 6.46
N LEU A 114 6.57 2.35 7.54
CA LEU A 114 5.93 2.87 8.75
C LEU A 114 5.87 4.39 8.67
N ILE A 115 4.69 4.94 8.89
CA ILE A 115 4.40 6.38 8.67
C ILE A 115 4.45 7.12 9.99
N ASP A 116 5.17 8.24 10.01
CA ASP A 116 5.23 9.11 11.19
C ASP A 116 3.85 9.58 11.68
N HIS A 117 3.69 9.62 13.00
CA HIS A 117 2.39 10.01 13.60
C HIS A 117 1.98 11.47 13.33
N ASN A 118 2.90 12.36 12.95
CA ASN A 118 2.53 13.75 12.61
C ASN A 118 2.25 13.96 11.14
N PHE A 119 2.31 12.91 10.31
CA PHE A 119 1.94 13.08 8.90
C PHE A 119 0.45 13.30 8.75
N GLN A 120 0.08 14.26 7.92
CA GLN A 120 -1.33 14.51 7.56
C GLN A 120 -1.39 14.56 6.04
N ALA A 121 -2.18 13.67 5.45
CA ALA A 121 -2.23 13.57 3.97
C ALA A 121 -2.74 14.85 3.36
N GLN A 122 -2.11 15.22 2.25
CA GLN A 122 -2.56 16.33 1.42
C GLN A 122 -2.81 15.76 0.02
N PRO A 123 -4.03 15.24 -0.22
CA PRO A 123 -4.34 14.63 -1.51
C PRO A 123 -4.08 15.61 -2.66
N ASN A 124 -3.32 15.17 -3.65
CA ASN A 124 -3.10 15.92 -4.86
C ASN A 124 -4.24 15.61 -5.85
N PRO A 125 -5.17 16.56 -6.08
CA PRO A 125 -6.35 16.23 -6.88
C PRO A 125 -6.09 15.86 -8.37
N ALA A 126 -4.92 16.18 -8.90
CA ALA A 126 -4.54 15.71 -10.26
C ALA A 126 -4.29 14.19 -10.30
N GLU A 127 -4.03 13.61 -9.14
CA GLU A 127 -3.64 12.18 -9.03
C GLU A 127 -4.66 11.36 -8.26
N VAL A 128 -5.21 11.95 -7.20
N VAL A 128 -5.11 11.89 -7.12
CA VAL A 128 -5.96 11.19 -6.23
CA VAL A 128 -6.00 11.13 -6.23
C VAL A 128 -7.23 11.96 -5.81
C VAL A 128 -7.22 11.95 -5.83
N LYS A 129 -8.37 11.29 -5.86
CA LYS A 129 -9.67 11.86 -5.45
C LYS A 129 -9.89 11.75 -3.94
N ASP A 130 -9.20 10.81 -3.28
CA ASP A 130 -9.44 10.56 -1.85
C ASP A 130 -8.25 9.77 -1.30
N VAL A 131 -8.08 9.86 0.00
CA VAL A 131 -7.08 9.10 0.78
C VAL A 131 -7.83 8.64 2.02
N PHE A 132 -7.69 7.38 2.43
CA PHE A 132 -8.41 6.87 3.59
C PHE A 132 -7.63 5.73 4.26
N LEU A 133 -7.93 5.52 5.54
CA LEU A 133 -7.35 4.44 6.32
C LEU A 133 -8.30 3.29 6.50
N VAL A 134 -7.76 2.07 6.53
CA VAL A 134 -8.52 0.88 6.93
C VAL A 134 -7.72 0.17 8.03
N PRO A 135 -8.38 -0.21 9.16
CA PRO A 135 -7.65 -0.99 10.13
C PRO A 135 -7.12 -2.29 9.54
N LEU A 136 -5.87 -2.63 9.84
CA LEU A 136 -5.26 -3.83 9.31
C LEU A 136 -6.07 -5.09 9.65
N ALA A 137 -6.63 -5.15 10.87
CA ALA A 137 -7.44 -6.30 11.28
C ALA A 137 -8.67 -6.56 10.44
N TYR A 138 -9.19 -5.52 9.77
CA TYR A 138 -10.31 -5.66 8.84
C TYR A 138 -10.06 -6.79 7.82
N PHE A 139 -8.82 -6.89 7.36
CA PHE A 139 -8.50 -7.81 6.26
C PHE A 139 -8.47 -9.29 6.66
N LEU A 140 -8.55 -9.52 7.97
CA LEU A 140 -8.77 -10.87 8.50
C LEU A 140 -10.24 -11.28 8.47
N HIS A 141 -11.16 -10.32 8.50
CA HIS A 141 -12.63 -10.59 8.48
C HIS A 141 -13.35 -9.57 7.62
N PRO A 142 -13.02 -9.55 6.33
CA PRO A 142 -13.56 -8.52 5.45
C PRO A 142 -15.01 -8.80 5.09
N GLN A 143 -15.69 -7.79 4.56
CA GLN A 143 -17.03 -7.93 4.04
C GLN A 143 -16.90 -8.14 2.53
N VAL A 144 -17.14 -9.38 2.10
CA VAL A 144 -16.83 -9.80 0.75
C VAL A 144 -18.09 -9.76 -0.09
N HIS A 145 -17.97 -9.22 -1.30
CA HIS A 145 -19.02 -9.20 -2.31
C HIS A 145 -18.44 -9.76 -3.60
N ASP A 146 -19.22 -10.61 -4.29
CA ASP A 146 -18.76 -11.25 -5.52
C ASP A 146 -19.37 -10.55 -6.73
N GLN A 147 -18.53 -10.27 -7.74
CA GLN A 147 -18.93 -9.57 -8.95
C GLN A 147 -18.43 -10.31 -10.20
N ASN A 159 -15.23 -12.80 -9.18
CA ASN A 159 -14.12 -12.36 -8.35
C ASN A 159 -14.54 -11.57 -7.07
N HIS A 160 -13.73 -11.70 -6.03
CA HIS A 160 -14.06 -11.19 -4.70
C HIS A 160 -13.68 -9.71 -4.56
N ILE A 161 -14.61 -8.92 -4.04
CA ILE A 161 -14.42 -7.49 -3.78
C ILE A 161 -14.67 -7.27 -2.28
N PHE A 162 -13.78 -6.52 -1.62
CA PHE A 162 -14.00 -6.13 -0.23
C PHE A 162 -14.74 -4.81 -0.20
N GLU A 163 -15.75 -4.69 0.66
CA GLU A 163 -16.38 -3.41 0.97
C GLU A 163 -16.07 -2.97 2.39
N TYR A 164 -15.49 -1.79 2.50
CA TYR A 164 -15.14 -1.25 3.81
C TYR A 164 -15.91 0.03 3.97
N THR A 165 -16.64 0.13 5.07
CA THR A 165 -17.37 1.35 5.42
C THR A 165 -16.67 2.10 6.55
N ASN A 166 -16.27 3.34 6.31
CA ASN A 166 -15.60 4.14 7.32
C ASN A 166 -16.61 4.57 8.40
N PRO A 167 -16.44 4.15 9.67
CA PRO A 167 -17.46 4.52 10.69
C PRO A 167 -17.51 6.02 11.03
N GLU A 168 -16.44 6.75 10.71
CA GLU A 168 -16.42 8.21 10.88
C GLU A 168 -17.50 8.93 10.07
N ASP A 169 -17.70 8.48 8.82
CA ASP A 169 -18.62 9.13 7.88
C ASP A 169 -19.60 8.25 7.09
N GLY A 170 -19.52 6.92 7.25
CA GLY A 170 -20.42 6.00 6.55
C GLY A 170 -20.13 5.74 5.09
N VAL A 171 -18.99 6.25 4.59
CA VAL A 171 -18.61 6.08 3.20
C VAL A 171 -18.06 4.68 2.99
N THR A 172 -18.54 4.04 1.93
CA THR A 172 -18.10 2.68 1.58
C THR A 172 -17.10 2.75 0.43
N TYR A 173 -16.01 2.02 0.58
CA TYR A 173 -14.99 1.89 -0.44
C TYR A 173 -14.92 0.42 -0.87
N GLN A 174 -14.65 0.21 -2.16
CA GLN A 174 -14.48 -1.13 -2.74
C GLN A 174 -12.99 -1.35 -2.97
N ILE A 175 -12.47 -2.46 -2.44
CA ILE A 175 -11.03 -2.73 -2.56
C ILE A 175 -10.90 -4.10 -3.24
N LYS A 176 -10.10 -4.18 -4.29
CA LYS A 176 -10.05 -5.42 -5.07
C LYS A 176 -8.71 -5.68 -5.70
N GLY A 177 -8.58 -6.84 -6.36
CA GLY A 177 -7.38 -7.14 -7.13
C GLY A 177 -6.10 -7.18 -6.32
N MET A 178 -4.99 -6.74 -6.95
CA MET A 178 -3.66 -6.76 -6.33
C MET A 178 -3.69 -6.01 -5.01
N THR A 179 -4.40 -4.89 -4.99
CA THR A 179 -4.44 -4.04 -3.79
C THR A 179 -5.03 -4.82 -2.61
N ALA A 180 -6.17 -5.47 -2.83
CA ALA A 180 -6.78 -6.33 -1.79
C ALA A 180 -5.88 -7.48 -1.40
N ASN A 181 -5.24 -8.11 -2.38
N ASN A 181 -5.24 -8.11 -2.38
CA ASN A 181 -4.36 -9.24 -2.08
CA ASN A 181 -4.34 -9.23 -2.11
C ASN A 181 -3.16 -8.82 -1.21
C ASN A 181 -3.18 -8.82 -1.21
N LEU A 182 -2.56 -7.68 -1.53
CA LEU A 182 -1.44 -7.19 -0.73
C LEU A 182 -1.87 -6.81 0.67
N ALA A 183 -3.06 -6.23 0.80
CA ALA A 183 -3.55 -5.86 2.14
C ALA A 183 -3.70 -7.08 3.06
N VAL A 184 -4.25 -8.16 2.51
CA VAL A 184 -4.41 -9.41 3.25
C VAL A 184 -3.06 -9.97 3.65
N LEU A 185 -2.13 -9.97 2.71
CA LEU A 185 -0.77 -10.42 3.00
C LEU A 185 -0.13 -9.71 4.19
N VAL A 186 -0.18 -8.37 4.19
CA VAL A 186 0.40 -7.59 5.27
C VAL A 186 -0.33 -7.89 6.61
N ALA A 187 -1.66 -7.98 6.57
CA ALA A 187 -2.42 -8.32 7.77
C ALA A 187 -2.00 -9.69 8.34
N PHE A 188 -1.89 -10.71 7.49
CA PHE A 188 -1.40 -12.02 7.95
C PHE A 188 0.00 -11.94 8.59
N ILE A 189 0.94 -11.26 7.93
CA ILE A 189 2.30 -11.19 8.39
C ILE A 189 2.36 -10.59 9.78
N ILE A 190 1.63 -9.49 9.97
CA ILE A 190 1.76 -8.71 11.21
C ILE A 190 0.88 -9.24 12.34
N LEU A 191 -0.31 -9.74 12.01
CA LEU A 191 -1.32 -10.06 13.04
C LEU A 191 -1.49 -11.53 13.37
N GLU A 192 -0.96 -12.43 12.53
CA GLU A 192 -1.14 -13.86 12.87
C GLU A 192 -0.46 -14.22 14.20
N LYS A 193 -1.10 -15.14 14.93
CA LYS A 193 -0.50 -15.74 16.11
C LYS A 193 0.01 -14.71 17.08
N LYS A 194 -0.93 -13.92 17.62
CA LYS A 194 -0.60 -12.89 18.64
C LYS A 194 -1.43 -13.10 19.89
N PRO A 195 -0.78 -13.07 21.07
CA PRO A 195 -1.59 -13.06 22.30
C PRO A 195 -2.45 -11.79 22.39
N THR A 196 -3.62 -11.90 23.01
CA THR A 196 -4.46 -10.72 23.25
C THR A 196 -4.12 -10.17 24.66
#